data_7QH8
#
_entry.id   7QH8
#
_cell.length_a   83.838
_cell.length_b   83.838
_cell.length_c   147.781
_cell.angle_alpha   90.000
_cell.angle_beta   90.000
_cell.angle_gamma   90.000
#
_symmetry.space_group_name_H-M   'P 41 21 2'
#
loop_
_entity.id
_entity.type
_entity.pdbx_description
1 polymer 'Lysine--tRNA ligase 1'
2 non-polymer LYSINE
3 non-polymer GLYCEROL
4 water water
#
_entity_poly.entity_id   1
_entity_poly.type   'polypeptide(L)'
_entity_poly.pdbx_seq_one_letter_code
;MGSSHHHHHHSSGENLYFQGHMSAADTAEDLPEQFRIRRDKRARLLAQGRDPYPVAVPRTHTLAEVRAAHPDLPIDTATE
DIVGVAGRVIFARNSGKLCFATLQDGDGTQLQVMISLDKVGQAALDAWKADVDLGDIVYVHGAVISSRRGELSVLADCWR
IAAKSLRPLPVAHKEMSEESRVRQRYVDLIVRPEARAVARLRIAVVRAIRTALQRRGFLEVETPVLQTLAGGAAARPFAT
HSNALDIDLYLRIAPELFLKRCIVGGFDKVFELNRVFRNEGADSTHSPEFSMLETYQTYGTYDDSAVVTRELIQEVADEA
IGTRQLPLPDGSVYDIDGEWATIQMYPSLSVALGEEITPQTTVDRLRGIADSLGLEKDPAIHDNRGFGHGKLIEELWERT
VGKSLSAPTFVKDFPVQTTPLTRQHRSIPGVTEKWDLYLRGIELATGYSELSDPVVQRERFADQARAAAAGDDEAMVLDE
DFLAALEYGMPPCTGTGMGIDRLLMSLTGLSIRETVLFPIVRPHSN
;
_entity_poly.pdbx_strand_id   A
#
loop_
_chem_comp.id
_chem_comp.type
_chem_comp.name
_chem_comp.formula
GOL non-polymer GLYCEROL 'C3 H8 O3'
#
# COMPACT_ATOMS: atom_id res chain seq x y z
N PRO A 32 12.16 31.05 9.95
CA PRO A 32 11.74 31.10 11.36
C PRO A 32 11.32 32.51 11.79
N GLU A 33 11.71 33.49 11.00
CA GLU A 33 11.19 34.88 11.09
C GLU A 33 9.80 34.92 10.45
N GLN A 34 9.66 34.29 9.27
CA GLN A 34 8.36 34.08 8.57
C GLN A 34 7.37 33.35 9.49
N PHE A 35 7.83 32.40 10.31
CA PHE A 35 7.05 31.77 11.42
C PHE A 35 6.53 32.88 12.34
N ARG A 36 7.42 33.76 12.82
CA ARG A 36 7.12 34.83 13.80
C ARG A 36 6.08 35.80 13.22
N ILE A 37 6.21 36.19 11.95
CA ILE A 37 5.27 37.16 11.30
C ILE A 37 3.90 36.52 11.14
N ARG A 38 3.86 35.25 10.70
CA ARG A 38 2.56 34.54 10.53
C ARG A 38 1.89 34.49 11.90
N ARG A 39 2.64 34.17 12.97
CA ARG A 39 2.16 34.07 14.38
C ARG A 39 1.60 35.42 14.82
N ASP A 40 2.27 36.53 14.47
CA ASP A 40 1.80 37.91 14.75
C ASP A 40 0.48 38.17 14.01
N LYS A 41 0.36 37.80 12.75
CA LYS A 41 -0.92 38.03 12.00
C LYS A 41 -2.05 37.25 12.68
N ARG A 42 -1.81 36.02 13.12
CA ARG A 42 -2.84 35.21 13.85
C ARG A 42 -3.35 36.03 15.05
N ALA A 43 -2.45 36.43 15.95
CA ALA A 43 -2.76 37.22 17.18
C ALA A 43 -3.48 38.53 16.85
N ARG A 44 -3.04 39.28 15.83
CA ARG A 44 -3.70 40.53 15.37
C ARG A 44 -5.14 40.24 14.91
N LEU A 45 -5.32 39.21 14.09
CA LEU A 45 -6.65 38.84 13.54
C LEU A 45 -7.61 38.55 14.70
N LEU A 46 -7.15 37.81 15.71
CA LEU A 46 -7.93 37.46 16.93
C LEU A 46 -8.36 38.73 17.65
N ALA A 47 -7.37 39.56 18.03
CA ALA A 47 -7.52 40.87 18.71
C ALA A 47 -8.57 41.76 18.01
N GLN A 48 -8.69 41.70 16.67
CA GLN A 48 -9.61 42.54 15.86
C GLN A 48 -11.01 41.93 15.79
N GLY A 49 -11.28 40.85 16.54
CA GLY A 49 -12.58 40.14 16.49
C GLY A 49 -12.83 39.42 15.18
N ARG A 50 -11.82 39.35 14.31
CA ARG A 50 -11.80 38.45 13.13
C ARG A 50 -11.33 37.08 13.62
N ASP A 51 -11.69 36.02 12.91
CA ASP A 51 -11.51 34.62 13.37
C ASP A 51 -10.69 33.92 12.32
N PRO A 52 -9.39 33.64 12.56
CA PRO A 52 -8.55 33.00 11.55
C PRO A 52 -8.67 31.46 11.52
N TYR A 53 -9.46 30.87 12.42
CA TYR A 53 -9.81 29.43 12.39
C TYR A 53 -11.31 29.30 12.59
N PRO A 54 -12.15 29.78 11.66
CA PRO A 54 -13.60 29.76 11.83
C PRO A 54 -14.09 28.31 11.82
N VAL A 55 -15.18 28.02 12.53
CA VAL A 55 -15.69 26.62 12.74
C VAL A 55 -16.21 26.11 11.38
N ALA A 56 -16.69 27.07 10.58
CA ALA A 56 -17.35 26.82 9.28
C ALA A 56 -17.09 28.00 8.36
N VAL A 57 -17.06 27.71 7.07
CA VAL A 57 -17.36 28.72 6.02
C VAL A 57 -18.39 28.05 5.13
N PRO A 58 -19.31 28.80 4.49
CA PRO A 58 -20.34 28.18 3.66
C PRO A 58 -19.82 27.85 2.25
N ARG A 59 -18.99 26.84 2.13
CA ARG A 59 -18.50 26.31 0.82
C ARG A 59 -19.65 25.60 0.10
N THR A 60 -20.01 26.05 -1.10
CA THR A 60 -21.13 25.50 -1.92
C THR A 60 -20.60 24.39 -2.82
N HIS A 61 -19.33 24.48 -3.24
CA HIS A 61 -18.76 23.62 -4.30
C HIS A 61 -17.29 23.35 -4.04
N THR A 62 -16.81 22.17 -4.41
CA THR A 62 -15.37 21.89 -4.59
C THR A 62 -14.91 22.63 -5.85
N LEU A 63 -13.62 22.82 -6.00
CA LEU A 63 -13.11 23.55 -7.20
C LEU A 63 -13.32 22.66 -8.43
N ALA A 64 -13.16 21.34 -8.31
CA ALA A 64 -13.39 20.37 -9.42
C ALA A 64 -14.84 20.46 -9.89
N GLU A 65 -15.76 20.74 -8.97
CA GLU A 65 -17.20 20.90 -9.27
C GLU A 65 -17.38 22.12 -10.15
N VAL A 66 -16.82 23.26 -9.74
CA VAL A 66 -16.89 24.55 -10.49
C VAL A 66 -16.27 24.35 -11.89
N ARG A 67 -15.09 23.71 -11.97
CA ARG A 67 -14.40 23.38 -13.24
C ARG A 67 -15.33 22.54 -14.12
N ALA A 68 -15.92 21.47 -13.57
CA ALA A 68 -16.79 20.53 -14.32
C ALA A 68 -18.06 21.23 -14.84
N ALA A 69 -18.48 22.35 -14.23
CA ALA A 69 -19.73 23.09 -14.56
C ALA A 69 -19.47 24.28 -15.51
N HIS A 70 -18.24 24.46 -15.99
CA HIS A 70 -17.86 25.59 -16.89
C HIS A 70 -16.73 25.17 -17.82
N PRO A 71 -16.85 23.99 -18.49
CA PRO A 71 -15.75 23.44 -19.29
C PRO A 71 -15.29 24.36 -20.44
N ASP A 72 -16.19 25.13 -21.04
CA ASP A 72 -15.85 26.09 -22.12
C ASP A 72 -16.66 27.40 -21.94
N LEU A 73 -16.13 28.28 -21.09
CA LEU A 73 -16.68 29.64 -20.93
C LEU A 73 -15.91 30.55 -21.88
N PRO A 74 -16.54 31.22 -22.89
CA PRO A 74 -15.82 32.17 -23.72
C PRO A 74 -14.95 33.14 -22.91
N ILE A 75 -13.67 33.26 -23.28
CA ILE A 75 -12.66 33.99 -22.46
C ILE A 75 -13.12 35.44 -22.27
N ASP A 76 -12.76 36.02 -21.11
CA ASP A 76 -13.11 37.42 -20.74
C ASP A 76 -14.63 37.59 -20.90
N THR A 77 -15.41 36.73 -20.24
CA THR A 77 -16.90 36.81 -20.17
C THR A 77 -17.32 36.48 -18.73
N ALA A 78 -18.41 37.08 -18.26
CA ALA A 78 -18.95 36.90 -16.90
C ALA A 78 -20.21 36.02 -16.93
N THR A 79 -20.42 35.22 -15.88
CA THR A 79 -21.64 34.39 -15.70
C THR A 79 -22.35 34.87 -14.43
N GLU A 80 -23.58 34.38 -14.21
CA GLU A 80 -24.38 34.69 -12.99
C GLU A 80 -24.55 33.39 -12.18
N ASP A 81 -23.46 32.61 -12.09
CA ASP A 81 -23.32 31.51 -11.09
C ASP A 81 -22.48 32.08 -9.95
N ILE A 82 -23.16 32.44 -8.86
CA ILE A 82 -22.52 32.78 -7.56
C ILE A 82 -22.08 31.46 -6.92
N VAL A 83 -20.87 31.45 -6.34
CA VAL A 83 -20.35 30.25 -5.62
C VAL A 83 -19.66 30.68 -4.33
N GLY A 84 -19.55 29.69 -3.45
CA GLY A 84 -18.69 29.67 -2.26
C GLY A 84 -17.65 28.58 -2.42
N VAL A 85 -16.39 29.00 -2.58
CA VAL A 85 -15.25 28.08 -2.77
C VAL A 85 -14.30 28.32 -1.62
N ALA A 86 -13.42 27.35 -1.38
CA ALA A 86 -12.38 27.46 -0.34
C ALA A 86 -11.20 26.67 -0.84
N GLY A 87 -10.01 27.13 -0.49
CA GLY A 87 -8.76 26.61 -1.06
C GLY A 87 -7.54 27.27 -0.46
N ARG A 88 -6.42 26.58 -0.61
CA ARG A 88 -5.09 26.99 -0.12
C ARG A 88 -4.48 27.92 -1.17
N VAL A 89 -4.11 29.13 -0.75
CA VAL A 89 -3.55 30.16 -1.67
C VAL A 89 -2.12 29.70 -1.98
N ILE A 90 -1.88 29.26 -3.23
CA ILE A 90 -0.57 28.64 -3.62
C ILE A 90 0.20 29.62 -4.51
N PHE A 91 -0.47 30.65 -4.98
CA PHE A 91 0.17 31.68 -5.83
C PHE A 91 -0.61 32.96 -5.59
N ALA A 92 0.09 34.07 -5.45
CA ALA A 92 -0.51 35.41 -5.26
C ALA A 92 0.21 36.41 -6.17
N ARG A 93 -0.55 37.40 -6.68
CA ARG A 93 -0.10 38.43 -7.64
C ARG A 93 -0.93 39.69 -7.43
N ASN A 94 -0.39 40.64 -6.68
CA ASN A 94 -1.11 41.82 -6.12
C ASN A 94 -0.94 43.01 -7.07
N SER A 95 -1.81 44.02 -6.91
CA SER A 95 -1.69 45.39 -7.49
C SER A 95 -2.42 46.38 -6.59
N GLY A 96 -2.62 47.62 -7.09
CA GLY A 96 -3.34 48.70 -6.40
C GLY A 96 -4.79 48.34 -6.14
N LYS A 97 -5.55 48.03 -7.20
CA LYS A 97 -7.03 47.87 -7.19
C LYS A 97 -7.44 46.40 -7.40
N LEU A 98 -6.49 45.48 -7.65
CA LEU A 98 -6.82 44.09 -8.06
C LEU A 98 -5.69 43.13 -7.70
N CYS A 99 -6.00 42.12 -6.86
CA CYS A 99 -5.10 41.01 -6.47
C CYS A 99 -5.67 39.70 -7.03
N PHE A 100 -4.79 38.91 -7.63
CA PHE A 100 -5.10 37.56 -8.15
C PHE A 100 -4.44 36.54 -7.24
N ALA A 101 -5.10 35.41 -7.09
CA ALA A 101 -4.53 34.25 -6.38
C ALA A 101 -5.01 32.99 -7.09
N THR A 102 -4.19 31.96 -6.99
CA THR A 102 -4.56 30.59 -7.33
C THR A 102 -4.91 29.91 -6.02
N LEU A 103 -6.16 29.46 -5.92
CA LEU A 103 -6.57 28.52 -4.87
C LEU A 103 -6.36 27.12 -5.43
N GLN A 104 -5.82 26.26 -4.59
CA GLN A 104 -5.66 24.85 -4.92
C GLN A 104 -6.46 24.08 -3.89
N ASP A 105 -7.43 23.32 -4.38
CA ASP A 105 -8.25 22.39 -3.55
C ASP A 105 -7.29 21.29 -3.11
N GLY A 106 -7.72 20.46 -2.15
CA GLY A 106 -6.92 19.36 -1.60
C GLY A 106 -6.46 18.37 -2.64
N ASP A 107 -7.27 18.14 -3.68
CA ASP A 107 -6.98 17.13 -4.74
C ASP A 107 -6.03 17.70 -5.80
N GLY A 108 -5.74 19.00 -5.77
CA GLY A 108 -4.79 19.65 -6.72
C GLY A 108 -5.52 20.44 -7.78
N THR A 109 -6.84 20.32 -7.86
CA THR A 109 -7.67 21.19 -8.74
C THR A 109 -7.47 22.64 -8.29
N GLN A 110 -7.36 23.53 -9.26
CA GLN A 110 -7.09 24.97 -9.06
C GLN A 110 -8.26 25.78 -9.60
N LEU A 111 -8.50 26.93 -8.99
CA LEU A 111 -9.38 27.97 -9.56
C LEU A 111 -8.72 29.30 -9.22
N GLN A 112 -8.85 30.27 -10.12
CA GLN A 112 -8.30 31.61 -9.81
C GLN A 112 -9.40 32.40 -9.07
N VAL A 113 -8.99 33.17 -8.06
CA VAL A 113 -9.85 34.24 -7.46
C VAL A 113 -9.25 35.60 -7.80
N MET A 114 -10.12 36.61 -7.97
CA MET A 114 -9.71 38.03 -8.17
C MET A 114 -10.42 38.91 -7.13
N ILE A 115 -9.60 39.53 -6.29
CA ILE A 115 -9.99 40.49 -5.22
C ILE A 115 -9.78 41.89 -5.82
N SER A 116 -10.88 42.58 -6.11
CA SER A 116 -10.94 43.87 -6.86
C SER A 116 -11.54 44.96 -5.95
N LEU A 117 -10.89 46.13 -5.89
CA LEU A 117 -11.37 47.32 -5.13
C LEU A 117 -12.87 47.55 -5.40
N ASP A 118 -13.31 47.39 -6.66
CA ASP A 118 -14.67 47.76 -7.14
C ASP A 118 -15.76 46.87 -6.52
N LYS A 119 -15.48 45.58 -6.28
CA LYS A 119 -16.51 44.55 -5.91
C LYS A 119 -16.54 44.29 -4.40
N VAL A 120 -15.39 44.38 -3.73
CA VAL A 120 -15.27 44.24 -2.25
C VAL A 120 -14.78 45.58 -1.69
N GLY A 121 -14.77 45.74 -0.36
CA GLY A 121 -14.26 46.98 0.27
C GLY A 121 -12.86 47.34 -0.21
N GLN A 122 -12.52 48.63 -0.12
CA GLN A 122 -11.10 49.10 -0.01
C GLN A 122 -10.48 48.46 1.24
N ALA A 123 -11.22 48.44 2.35
CA ALA A 123 -10.82 47.78 3.62
C ALA A 123 -10.53 46.29 3.35
N ALA A 124 -11.51 45.59 2.77
CA ALA A 124 -11.41 44.17 2.32
C ALA A 124 -10.14 43.95 1.48
N LEU A 125 -9.84 44.87 0.55
CA LEU A 125 -8.69 44.76 -0.38
C LEU A 125 -7.40 44.86 0.44
N ASP A 126 -7.33 45.83 1.34
CA ASP A 126 -6.14 46.10 2.21
C ASP A 126 -5.95 44.90 3.14
N ALA A 127 -7.05 44.39 3.72
CA ALA A 127 -7.00 43.20 4.60
C ALA A 127 -6.47 42.01 3.79
N TRP A 128 -7.00 41.79 2.58
CA TRP A 128 -6.43 40.77 1.67
C TRP A 128 -4.89 40.91 1.65
N LYS A 129 -4.39 42.11 1.31
CA LYS A 129 -2.94 42.39 1.09
C LYS A 129 -2.19 42.17 2.40
N ALA A 130 -2.74 42.61 3.53
CA ALA A 130 -2.08 42.56 4.87
C ALA A 130 -2.19 41.15 5.49
N ASP A 131 -3.32 40.46 5.25
CA ASP A 131 -3.77 39.33 6.11
C ASP A 131 -3.41 37.96 5.50
N VAL A 132 -3.45 37.85 4.17
CA VAL A 132 -3.36 36.56 3.42
C VAL A 132 -1.91 36.24 3.03
N ASP A 133 -1.46 35.02 3.33
CA ASP A 133 -0.12 34.52 2.94
C ASP A 133 -0.29 33.18 2.21
N LEU A 134 0.65 32.86 1.33
CA LEU A 134 0.80 31.51 0.73
C LEU A 134 0.66 30.44 1.83
N GLY A 135 -0.12 29.39 1.52
CA GLY A 135 -0.35 28.27 2.44
C GLY A 135 -1.63 28.46 3.23
N ASP A 136 -2.08 29.71 3.40
CA ASP A 136 -3.35 30.05 4.09
C ASP A 136 -4.51 29.42 3.33
N ILE A 137 -5.44 28.79 4.05
CA ILE A 137 -6.73 28.35 3.45
C ILE A 137 -7.71 29.51 3.55
N VAL A 138 -8.35 29.80 2.42
CA VAL A 138 -9.18 31.01 2.20
C VAL A 138 -10.51 30.59 1.59
N TYR A 139 -11.59 31.20 2.05
CA TYR A 139 -12.93 31.06 1.44
C TYR A 139 -13.17 32.28 0.56
N VAL A 140 -13.74 32.12 -0.63
CA VAL A 140 -14.19 33.31 -1.41
C VAL A 140 -15.54 33.01 -2.07
N HIS A 141 -16.42 33.98 -1.93
CA HIS A 141 -17.80 34.03 -2.48
C HIS A 141 -17.78 35.07 -3.59
N GLY A 142 -18.40 34.74 -4.74
CA GLY A 142 -18.47 35.67 -5.89
C GLY A 142 -19.03 35.01 -7.14
N ALA A 143 -18.85 35.71 -8.27
CA ALA A 143 -19.41 35.30 -9.58
C ALA A 143 -18.33 34.54 -10.37
N VAL A 144 -18.70 33.46 -11.05
CA VAL A 144 -17.71 32.71 -11.90
C VAL A 144 -17.57 33.42 -13.26
N ILE A 145 -16.31 33.72 -13.61
CA ILE A 145 -15.90 34.47 -14.84
C ILE A 145 -14.68 33.78 -15.43
N SER A 146 -14.32 34.18 -16.66
CA SER A 146 -13.04 33.86 -17.34
C SER A 146 -12.23 35.15 -17.49
N SER A 147 -10.92 35.05 -17.28
CA SER A 147 -9.98 36.18 -17.44
C SER A 147 -9.45 36.24 -18.88
N ARG A 148 -8.90 37.39 -19.25
CA ARG A 148 -8.16 37.61 -20.53
C ARG A 148 -7.45 36.31 -20.93
N GLU A 151 -8.82 32.14 -18.22
CA GLU A 151 -8.50 31.35 -17.00
C GLU A 151 -9.66 31.48 -16.00
N LEU A 152 -10.19 30.34 -15.56
CA LEU A 152 -11.48 30.27 -14.83
C LEU A 152 -11.27 30.85 -13.44
N SER A 153 -12.16 31.76 -13.07
CA SER A 153 -11.95 32.62 -11.88
C SER A 153 -13.27 32.85 -11.15
N VAL A 154 -13.14 33.19 -9.87
CA VAL A 154 -14.26 33.77 -9.09
C VAL A 154 -13.86 35.23 -8.79
N LEU A 155 -14.69 36.16 -9.24
CA LEU A 155 -14.61 37.61 -8.91
C LEU A 155 -15.37 37.81 -7.61
N ALA A 156 -14.64 38.15 -6.54
CA ALA A 156 -15.11 38.03 -5.13
C ALA A 156 -16.02 39.20 -4.78
N ASP A 157 -17.20 38.90 -4.19
CA ASP A 157 -18.04 39.82 -3.36
C ASP A 157 -17.47 39.84 -1.93
N CYS A 158 -16.93 38.71 -1.49
CA CYS A 158 -16.72 38.34 -0.07
C CYS A 158 -15.57 37.33 0.02
N TRP A 159 -14.76 37.43 1.08
CA TRP A 159 -13.68 36.45 1.40
C TRP A 159 -13.43 36.45 2.91
N ARG A 160 -12.94 35.34 3.46
CA ARG A 160 -12.35 35.34 4.83
C ARG A 160 -11.28 34.28 4.88
N ILE A 161 -10.45 34.29 5.93
CA ILE A 161 -9.52 33.17 6.19
C ILE A 161 -10.31 31.99 6.75
N ALA A 162 -10.08 30.79 6.20
CA ALA A 162 -10.65 29.52 6.72
C ALA A 162 -9.62 28.91 7.67
N ALA A 163 -8.33 29.10 7.37
CA ALA A 163 -7.23 28.66 8.27
C ALA A 163 -5.94 29.42 7.93
N LYS A 164 -5.39 30.08 8.94
CA LYS A 164 -4.11 30.84 8.85
C LYS A 164 -2.94 29.86 9.02
N SER A 165 -2.09 29.74 8.01
CA SER A 165 -0.82 28.96 8.04
C SER A 165 0.26 29.76 8.79
N LEU A 166 0.82 29.14 9.82
CA LEU A 166 1.92 29.71 10.64
C LEU A 166 3.28 29.39 10.02
N ARG A 167 3.36 28.39 9.12
CA ARG A 167 4.61 27.99 8.40
C ARG A 167 4.41 28.17 6.91
N PRO A 168 5.39 28.77 6.17
CA PRO A 168 5.28 28.88 4.73
C PRO A 168 5.53 27.50 4.08
N LEU A 169 4.91 27.26 2.94
CA LEU A 169 5.16 26.03 2.14
C LEU A 169 6.58 26.08 1.60
N PRO A 170 7.33 24.95 1.56
CA PRO A 170 8.53 24.86 0.75
C PRO A 170 8.12 24.93 -0.73
N VAL A 171 9.07 25.24 -1.60
CA VAL A 171 8.90 25.34 -3.08
C VAL A 171 8.60 23.95 -3.67
N LYS A 174 10.90 21.97 -5.84
CA LYS A 174 12.36 22.20 -6.00
C LYS A 174 12.98 22.63 -4.66
N GLU A 175 12.58 21.98 -3.55
CA GLU A 175 13.04 22.35 -2.18
C GLU A 175 12.73 21.23 -1.17
N MET A 176 12.57 19.96 -1.61
CA MET A 176 12.06 18.86 -0.76
C MET A 176 12.86 17.56 -1.02
N SER A 177 13.74 17.19 -0.08
CA SER A 177 14.52 15.93 -0.09
C SER A 177 13.60 14.71 0.10
N GLU A 178 14.07 13.51 -0.28
CA GLU A 178 13.27 12.25 -0.28
C GLU A 178 12.81 11.90 1.14
N GLU A 179 13.65 12.14 2.17
CA GLU A 179 13.29 11.82 3.58
C GLU A 179 12.60 13.02 4.26
N SER A 180 12.68 14.23 3.71
CA SER A 180 11.82 15.37 4.17
C SER A 180 10.36 15.10 3.76
N ARG A 181 10.20 14.51 2.58
CA ARG A 181 8.89 14.13 2.00
C ARG A 181 8.20 13.16 2.96
N VAL A 182 8.95 12.20 3.50
CA VAL A 182 8.41 11.09 4.33
C VAL A 182 8.19 11.55 5.79
N ARG A 183 8.97 12.51 6.27
CA ARG A 183 8.86 13.07 7.65
C ARG A 183 7.68 14.04 7.71
N GLN A 184 7.32 14.61 6.56
CA GLN A 184 6.21 15.57 6.44
C GLN A 184 5.39 15.22 5.19
N ARG A 185 4.73 14.06 5.21
CA ARG A 185 3.87 13.65 4.08
C ARG A 185 2.79 14.71 3.85
N TYR A 186 2.28 15.31 4.92
CA TYR A 186 1.24 16.37 4.81
C TYR A 186 1.77 17.52 3.93
N VAL A 187 3.05 17.88 4.02
CA VAL A 187 3.60 18.98 3.15
C VAL A 187 3.81 18.39 1.74
N ASP A 188 4.34 17.16 1.65
CA ASP A 188 4.53 16.44 0.35
C ASP A 188 3.22 16.47 -0.45
N LEU A 189 2.10 16.06 0.17
CA LEU A 189 0.75 16.06 -0.48
C LEU A 189 0.30 17.47 -0.92
N ILE A 190 0.72 18.52 -0.24
CA ILE A 190 0.34 19.90 -0.64
C ILE A 190 1.09 20.31 -1.93
N VAL A 191 2.39 20.06 -2.00
CA VAL A 191 3.26 20.70 -3.02
C VAL A 191 3.57 19.76 -4.22
N ARG A 192 3.47 18.43 -4.07
CA ARG A 192 3.87 17.48 -5.14
C ARG A 192 2.68 16.68 -5.65
N PRO A 193 2.21 16.96 -6.90
CA PRO A 193 1.06 16.29 -7.47
C PRO A 193 1.20 14.75 -7.47
N GLU A 194 2.44 14.28 -7.68
CA GLU A 194 2.76 12.84 -7.71
C GLU A 194 2.48 12.21 -6.35
N ALA A 195 2.74 12.91 -5.23
CA ALA A 195 2.44 12.38 -3.88
C ALA A 195 0.93 12.14 -3.77
N ARG A 196 0.14 13.07 -4.29
CA ARG A 196 -1.34 13.01 -4.33
C ARG A 196 -1.81 11.83 -5.17
N ALA A 197 -1.22 11.59 -6.34
CA ALA A 197 -1.64 10.50 -7.24
C ALA A 197 -1.24 9.12 -6.66
N VAL A 198 -0.06 9.00 -6.04
CA VAL A 198 0.41 7.74 -5.38
C VAL A 198 -0.50 7.40 -4.18
N ALA A 199 -0.85 8.39 -3.36
CA ALA A 199 -1.73 8.21 -2.19
C ALA A 199 -3.08 7.66 -2.69
N ARG A 200 -3.65 8.27 -3.73
CA ARG A 200 -4.96 7.85 -4.28
C ARG A 200 -4.87 6.49 -4.98
N LEU A 201 -3.73 6.18 -5.63
CA LEU A 201 -3.53 4.87 -6.28
C LEU A 201 -3.53 3.73 -5.24
N ARG A 202 -2.80 3.86 -4.12
CA ARG A 202 -2.80 2.83 -3.07
C ARG A 202 -4.24 2.58 -2.64
N ILE A 203 -4.99 3.66 -2.38
CA ILE A 203 -6.39 3.54 -1.93
C ILE A 203 -7.22 2.82 -3.01
N ALA A 204 -7.06 3.20 -4.27
CA ALA A 204 -7.80 2.59 -5.41
C ALA A 204 -7.41 1.11 -5.55
N VAL A 205 -6.14 0.74 -5.32
CA VAL A 205 -5.65 -0.66 -5.42
C VAL A 205 -6.33 -1.50 -4.33
N VAL A 206 -6.32 -1.01 -3.08
CA VAL A 206 -6.90 -1.72 -1.90
C VAL A 206 -8.41 -1.90 -2.14
N ARG A 207 -9.07 -0.84 -2.60
CA ARG A 207 -10.51 -0.94 -2.95
C ARG A 207 -10.70 -1.98 -4.06
N ALA A 208 -9.93 -1.90 -5.13
CA ALA A 208 -10.00 -2.87 -6.26
C ALA A 208 -9.90 -4.32 -5.75
N ILE A 209 -9.02 -4.58 -4.78
CA ILE A 209 -8.85 -5.95 -4.23
C ILE A 209 -10.15 -6.38 -3.52
N ARG A 210 -10.70 -5.54 -2.64
CA ARG A 210 -11.97 -5.84 -1.90
C ARG A 210 -13.06 -6.14 -2.93
N THR A 211 -13.15 -5.32 -3.96
CA THR A 211 -14.15 -5.49 -5.04
C THR A 211 -13.93 -6.84 -5.74
N ALA A 212 -12.69 -7.16 -6.11
CA ALA A 212 -12.40 -8.41 -6.84
C ALA A 212 -12.78 -9.60 -5.94
N LEU A 213 -12.45 -9.57 -4.66
CA LEU A 213 -12.74 -10.73 -3.77
C LEU A 213 -14.23 -10.82 -3.38
N GLN A 214 -14.87 -9.70 -3.02
CA GLN A 214 -16.32 -9.68 -2.73
C GLN A 214 -17.13 -10.16 -3.94
N ARG A 215 -16.78 -9.75 -5.14
CA ARG A 215 -17.44 -10.25 -6.38
C ARG A 215 -17.31 -11.80 -6.47
N ARG A 216 -16.29 -12.44 -5.90
CA ARG A 216 -16.13 -13.92 -5.94
C ARG A 216 -16.72 -14.58 -4.70
N GLY A 217 -17.38 -13.83 -3.82
CA GLY A 217 -18.02 -14.36 -2.60
C GLY A 217 -17.06 -14.51 -1.43
N PHE A 218 -15.87 -13.89 -1.46
CA PHE A 218 -14.99 -13.89 -0.26
C PHE A 218 -15.60 -12.95 0.80
N LEU A 219 -15.64 -13.40 2.06
CA LEU A 219 -15.99 -12.53 3.21
C LEU A 219 -14.70 -12.03 3.86
N GLU A 220 -14.66 -10.77 4.24
CA GLU A 220 -13.51 -10.22 4.98
C GLU A 220 -13.74 -10.40 6.48
N VAL A 221 -12.76 -10.96 7.17
CA VAL A 221 -12.85 -11.25 8.62
C VAL A 221 -11.78 -10.40 9.30
N GLU A 222 -11.94 -10.23 10.60
CA GLU A 222 -10.99 -9.53 11.48
C GLU A 222 -10.52 -10.58 12.49
N THR A 223 -9.25 -10.96 12.41
CA THR A 223 -8.66 -11.94 13.35
C THR A 223 -7.74 -11.14 14.26
N PRO A 224 -7.28 -11.69 15.41
CA PRO A 224 -6.53 -10.92 16.39
C PRO A 224 -5.18 -10.40 15.89
N VAL A 225 -4.81 -9.17 16.27
CA VAL A 225 -3.42 -8.65 16.10
C VAL A 225 -2.57 -9.13 17.28
N LEU A 226 -3.10 -9.05 18.51
CA LEU A 226 -2.35 -9.49 19.72
C LEU A 226 -2.68 -10.96 19.99
N GLN A 227 -1.64 -11.79 19.98
CA GLN A 227 -1.74 -13.27 20.07
C GLN A 227 -0.90 -13.73 21.27
N THR A 228 -1.28 -14.84 21.91
CA THR A 228 -0.47 -15.49 22.98
C THR A 228 0.77 -16.14 22.35
N LEU A 229 0.71 -16.50 21.07
CA LEU A 229 1.92 -16.86 20.27
C LEU A 229 1.72 -16.62 18.77
N ALA A 230 2.67 -15.91 18.17
CA ALA A 230 2.62 -15.46 16.76
C ALA A 230 3.17 -16.56 15.84
N GLY A 231 2.32 -17.10 14.94
CA GLY A 231 2.66 -18.15 13.96
C GLY A 231 2.18 -17.79 12.54
N GLY A 232 2.34 -18.72 11.59
CA GLY A 232 1.86 -18.61 10.21
C GLY A 232 2.85 -17.97 9.25
N ALA A 233 4.10 -17.72 9.68
CA ALA A 233 5.19 -17.21 8.81
C ALA A 233 6.55 -17.36 9.51
N ALA A 234 7.65 -17.20 8.76
CA ALA A 234 9.04 -17.20 9.30
C ALA A 234 9.49 -15.76 9.55
N ALA A 235 9.41 -15.29 10.81
CA ALA A 235 9.83 -13.93 11.26
C ALA A 235 9.79 -13.83 12.79
N ARG A 236 10.63 -12.96 13.38
CA ARG A 236 10.68 -12.69 14.85
C ARG A 236 9.59 -11.69 15.24
N PRO A 237 8.76 -11.99 16.26
CA PRO A 237 7.63 -11.13 16.63
C PRO A 237 8.07 -9.94 17.49
N PHE A 238 7.29 -8.86 17.46
CA PHE A 238 7.24 -7.80 18.50
C PHE A 238 6.50 -8.32 19.72
N ALA A 239 7.05 -8.06 20.91
CA ALA A 239 6.48 -8.42 22.23
C ALA A 239 6.04 -7.15 22.95
N THR A 240 4.93 -7.23 23.66
CA THR A 240 4.39 -6.12 24.49
C THR A 240 3.83 -6.77 25.75
N HIS A 241 3.86 -6.03 26.86
CA HIS A 241 3.40 -6.51 28.19
C HIS A 241 1.93 -6.12 28.34
N SER A 242 1.07 -7.11 28.53
CA SER A 242 -0.36 -6.91 28.89
C SER A 242 -0.43 -6.57 30.38
N ASN A 243 -0.95 -5.40 30.73
CA ASN A 243 -1.23 -5.05 32.14
C ASN A 243 -2.33 -5.99 32.65
N ALA A 244 -3.38 -6.16 31.84
CA ALA A 244 -4.64 -6.84 32.19
C ALA A 244 -4.41 -8.33 32.43
N LEU A 245 -3.28 -8.91 31.99
CA LEU A 245 -2.99 -10.37 32.09
C LEU A 245 -1.58 -10.63 32.64
N ASP A 246 -0.85 -9.58 33.01
CA ASP A 246 0.59 -9.62 33.43
C ASP A 246 1.34 -10.72 32.66
N ILE A 247 1.28 -10.67 31.32
CA ILE A 247 2.00 -11.60 30.41
C ILE A 247 2.49 -10.78 29.21
N ASP A 248 3.41 -11.33 28.42
CA ASP A 248 3.77 -10.78 27.09
C ASP A 248 2.74 -11.27 26.05
N LEU A 249 2.25 -10.37 25.22
CA LEU A 249 1.52 -10.71 23.97
C LEU A 249 2.39 -10.37 22.76
N TYR A 250 2.05 -10.95 21.62
CA TYR A 250 2.86 -10.93 20.38
C TYR A 250 2.00 -10.32 19.28
N LEU A 251 2.50 -9.28 18.65
CA LEU A 251 1.86 -8.70 17.43
C LEU A 251 1.96 -9.74 16.32
N ARG A 252 0.87 -9.94 15.58
CA ARG A 252 0.79 -11.06 14.61
C ARG A 252 1.84 -10.85 13.50
N ILE A 253 2.49 -11.94 13.13
CA ILE A 253 3.40 -12.00 11.95
C ILE A 253 2.54 -12.35 10.75
N ALA A 254 1.42 -13.05 10.95
CA ALA A 254 0.47 -13.45 9.88
C ALA A 254 -0.87 -13.83 10.47
N PRO A 255 -1.98 -13.58 9.75
CA PRO A 255 -3.30 -14.09 10.16
C PRO A 255 -3.57 -15.56 9.87
N GLU A 256 -2.67 -16.24 9.17
CA GLU A 256 -2.92 -17.56 8.56
C GLU A 256 -3.55 -18.52 9.55
N LEU A 257 -3.02 -18.69 10.77
CA LEU A 257 -3.54 -19.77 11.68
C LEU A 257 -4.98 -19.47 12.13
N PHE A 258 -5.35 -18.19 12.24
CA PHE A 258 -6.72 -17.77 12.62
C PHE A 258 -7.66 -17.89 11.41
N LEU A 259 -7.18 -17.56 10.21
CA LEU A 259 -8.02 -17.72 8.98
C LEU A 259 -8.30 -19.20 8.78
N LYS A 260 -7.33 -20.05 9.07
CA LYS A 260 -7.56 -21.52 8.97
C LYS A 260 -8.62 -21.97 9.99
N ARG A 261 -8.60 -21.44 11.22
CA ARG A 261 -9.70 -21.71 12.21
C ARG A 261 -11.08 -21.31 11.61
N CYS A 262 -11.13 -20.23 10.83
CA CYS A 262 -12.37 -19.79 10.12
C CYS A 262 -12.81 -20.84 9.10
N ILE A 263 -11.85 -21.43 8.38
CA ILE A 263 -12.15 -22.51 7.42
C ILE A 263 -12.77 -23.70 8.18
N VAL A 264 -12.13 -24.13 9.28
CA VAL A 264 -12.65 -25.27 10.13
C VAL A 264 -14.07 -24.87 10.57
N GLY A 265 -14.29 -23.58 10.84
CA GLY A 265 -15.55 -23.03 11.38
C GLY A 265 -16.65 -22.95 10.32
N GLY A 266 -16.34 -23.27 9.08
CA GLY A 266 -17.35 -23.32 7.99
C GLY A 266 -17.33 -22.11 7.07
N PHE A 267 -16.41 -21.16 7.21
CA PHE A 267 -16.24 -20.13 6.14
C PHE A 267 -15.73 -20.88 4.90
N ASP A 268 -16.44 -20.68 3.79
CA ASP A 268 -16.09 -21.19 2.45
C ASP A 268 -14.99 -20.32 1.84
N LYS A 269 -15.12 -19.00 1.92
CA LYS A 269 -14.19 -18.06 1.22
C LYS A 269 -13.92 -16.89 2.13
N VAL A 270 -12.68 -16.75 2.58
CA VAL A 270 -12.34 -15.72 3.58
C VAL A 270 -11.08 -15.01 3.14
N PHE A 271 -10.99 -13.75 3.52
CA PHE A 271 -9.76 -12.94 3.36
C PHE A 271 -9.66 -11.95 4.50
N GLU A 272 -8.43 -11.50 4.73
CA GLU A 272 -8.12 -10.45 5.70
C GLU A 272 -7.04 -9.57 5.09
N LEU A 273 -7.29 -8.27 5.01
CA LEU A 273 -6.40 -7.28 4.37
C LEU A 273 -6.01 -6.32 5.48
N ASN A 274 -4.83 -6.47 6.05
CA ASN A 274 -4.50 -5.70 7.28
C ASN A 274 -3.01 -5.84 7.59
N ARG A 275 -2.55 -5.05 8.54
CA ARG A 275 -1.12 -4.96 8.93
C ARG A 275 -0.64 -6.29 9.49
N VAL A 276 0.61 -6.63 9.16
CA VAL A 276 1.37 -7.65 9.95
C VAL A 276 2.66 -7.00 10.40
N PHE A 277 3.30 -7.61 11.37
CA PHE A 277 4.45 -7.00 12.06
C PHE A 277 5.57 -8.03 12.19
N ARG A 278 6.73 -7.71 11.66
CA ARG A 278 7.95 -8.56 11.76
C ARG A 278 9.03 -7.70 12.41
N ASN A 279 9.43 -8.05 13.65
CA ASN A 279 10.53 -7.36 14.38
C ASN A 279 11.85 -7.63 13.65
N GLU A 280 12.26 -6.70 12.79
CA GLU A 280 13.47 -6.85 11.94
C GLU A 280 14.66 -6.20 12.65
N GLY A 281 15.87 -6.69 12.37
CA GLY A 281 17.14 -6.17 12.94
C GLY A 281 17.62 -4.90 12.24
N ASP A 283 19.92 -4.56 10.09
CA ASP A 283 20.30 -4.92 8.71
C ASP A 283 19.08 -5.47 7.95
N SER A 284 18.15 -4.58 7.56
CA SER A 284 16.93 -4.88 6.77
C SER A 284 16.43 -3.60 6.07
N THR A 285 15.91 -3.73 4.85
CA THR A 285 15.18 -2.67 4.11
C THR A 285 13.69 -3.06 4.02
N HIS A 286 13.31 -4.21 4.58
CA HIS A 286 11.90 -4.67 4.69
C HIS A 286 11.29 -4.07 5.96
N SER A 287 10.16 -3.37 5.84
CA SER A 287 9.54 -2.55 6.91
C SER A 287 8.95 -3.44 8.01
N PRO A 288 9.08 -3.03 9.29
CA PRO A 288 8.52 -3.79 10.41
C PRO A 288 6.98 -3.89 10.46
N GLU A 289 6.30 -2.95 9.82
CA GLU A 289 4.83 -2.94 9.70
C GLU A 289 4.48 -2.89 8.22
N PHE A 290 3.66 -3.80 7.71
CA PHE A 290 3.22 -3.67 6.30
C PHE A 290 1.88 -4.38 6.10
N SER A 291 1.14 -3.90 5.12
CA SER A 291 -0.24 -4.37 4.83
C SER A 291 -0.14 -5.60 3.93
N MET A 292 -0.85 -6.65 4.32
CA MET A 292 -0.76 -7.99 3.74
C MET A 292 -2.19 -8.43 3.39
N LEU A 293 -2.38 -9.01 2.21
CA LEU A 293 -3.62 -9.74 1.85
C LEU A 293 -3.37 -11.23 2.04
N GLU A 294 -4.23 -11.91 2.81
CA GLU A 294 -4.36 -13.39 2.78
C GLU A 294 -5.80 -13.76 2.46
N THR A 295 -5.94 -14.80 1.62
CA THR A 295 -7.23 -15.34 1.17
C THR A 295 -7.22 -16.86 1.36
N TYR A 296 -8.38 -17.45 1.67
CA TYR A 296 -8.56 -18.92 1.78
C TYR A 296 -9.85 -19.30 1.08
N GLN A 297 -9.76 -20.34 0.27
CA GLN A 297 -10.89 -20.81 -0.56
C GLN A 297 -11.02 -22.33 -0.40
N THR A 298 -12.18 -22.83 0.06
CA THR A 298 -12.39 -24.30 0.26
C THR A 298 -12.61 -25.00 -1.08
N TYR A 299 -12.17 -26.26 -1.19
CA TYR A 299 -12.36 -27.14 -2.37
C TYR A 299 -11.67 -26.54 -3.58
N GLY A 300 -10.53 -25.90 -3.35
CA GLY A 300 -9.64 -25.52 -4.45
C GLY A 300 -8.22 -25.87 -4.06
N THR A 301 -7.34 -25.98 -5.06
CA THR A 301 -5.92 -26.30 -4.84
C THR A 301 -5.07 -25.10 -5.27
N TYR A 302 -3.75 -25.20 -5.10
CA TYR A 302 -2.81 -24.12 -5.50
C TYR A 302 -3.05 -23.79 -6.98
N ASP A 303 -3.53 -24.75 -7.77
CA ASP A 303 -3.72 -24.51 -9.22
C ASP A 303 -4.87 -23.51 -9.37
N ASP A 304 -5.91 -23.67 -8.55
CA ASP A 304 -7.09 -22.76 -8.60
C ASP A 304 -6.64 -21.36 -8.13
N SER A 305 -5.85 -21.24 -7.05
CA SER A 305 -5.57 -19.93 -6.43
C SER A 305 -4.57 -19.18 -7.31
N ALA A 306 -3.74 -19.91 -8.07
CA ALA A 306 -2.85 -19.35 -9.10
C ALA A 306 -3.70 -18.59 -10.13
N VAL A 307 -4.81 -19.19 -10.57
CA VAL A 307 -5.67 -18.54 -11.61
C VAL A 307 -6.29 -17.28 -10.97
N VAL A 308 -6.89 -17.44 -9.80
CA VAL A 308 -7.59 -16.34 -9.08
C VAL A 308 -6.59 -15.19 -8.90
N THR A 309 -5.35 -15.48 -8.50
CA THR A 309 -4.33 -14.46 -8.20
C THR A 309 -4.00 -13.66 -9.48
N ARG A 310 -3.75 -14.34 -10.60
CA ARG A 310 -3.54 -13.63 -11.89
C ARG A 310 -4.76 -12.74 -12.19
N GLU A 311 -5.95 -13.32 -12.14
CA GLU A 311 -7.18 -12.55 -12.48
C GLU A 311 -7.30 -11.33 -11.55
N LEU A 312 -7.06 -11.52 -10.26
CA LEU A 312 -7.15 -10.44 -9.23
C LEU A 312 -6.16 -9.32 -9.58
N ILE A 313 -4.89 -9.64 -9.81
CA ILE A 313 -3.83 -8.66 -10.19
C ILE A 313 -4.23 -7.91 -11.47
N GLN A 314 -4.65 -8.63 -12.51
CA GLN A 314 -5.08 -8.03 -13.82
C GLN A 314 -6.30 -7.12 -13.60
N GLU A 315 -7.23 -7.52 -12.75
CA GLU A 315 -8.45 -6.69 -12.44
C GLU A 315 -8.05 -5.44 -11.68
N VAL A 316 -7.08 -5.54 -10.77
CA VAL A 316 -6.57 -4.41 -9.97
C VAL A 316 -5.92 -3.40 -10.93
N ALA A 317 -5.06 -3.87 -11.83
CA ALA A 317 -4.42 -2.99 -12.85
C ALA A 317 -5.53 -2.31 -13.67
N ASP A 318 -6.55 -3.05 -14.11
CA ASP A 318 -7.65 -2.50 -14.95
C ASP A 318 -8.36 -1.37 -14.19
N GLU A 319 -8.73 -1.62 -12.92
CA GLU A 319 -9.54 -0.69 -12.11
C GLU A 319 -8.69 0.52 -11.70
N ALA A 320 -7.51 0.30 -11.11
CA ALA A 320 -6.73 1.35 -10.43
C ALA A 320 -5.78 2.06 -11.40
N ILE A 321 -5.26 1.36 -12.41
CA ILE A 321 -4.19 1.93 -13.28
C ILE A 321 -4.76 2.26 -14.67
N GLY A 322 -5.73 1.49 -15.13
CA GLY A 322 -6.41 1.76 -16.42
C GLY A 322 -5.77 1.03 -17.58
N THR A 323 -4.71 0.25 -17.36
CA THR A 323 -4.03 -0.49 -18.43
C THR A 323 -3.29 -1.72 -17.90
N ARG A 324 -2.97 -2.66 -18.78
CA ARG A 324 -2.11 -3.83 -18.41
C ARG A 324 -0.74 -3.65 -19.04
N GLN A 325 -0.55 -2.55 -19.79
CA GLN A 325 0.78 -2.18 -20.33
C GLN A 325 1.35 -1.12 -19.38
N LEU A 326 2.03 -1.57 -18.33
CA LEU A 326 2.30 -0.71 -17.15
C LEU A 326 3.46 0.23 -17.49
N PRO A 327 3.27 1.57 -17.41
CA PRO A 327 4.38 2.52 -17.60
C PRO A 327 5.27 2.48 -16.36
N LEU A 328 6.58 2.42 -16.53
CA LEU A 328 7.55 2.41 -15.39
C LEU A 328 8.37 3.69 -15.40
N PRO A 329 9.00 4.09 -14.25
CA PRO A 329 9.72 5.36 -14.19
C PRO A 329 10.94 5.49 -15.13
N ASP A 330 11.53 4.37 -15.59
CA ASP A 330 12.62 4.38 -16.60
C ASP A 330 12.04 4.56 -18.00
N GLY A 331 10.73 4.82 -18.13
CA GLY A 331 10.08 5.00 -19.44
C GLY A 331 9.77 3.67 -20.11
N SER A 332 10.29 2.55 -19.59
CA SER A 332 9.95 1.17 -20.07
C SER A 332 8.45 0.88 -19.88
N VAL A 333 7.96 -0.18 -20.51
CA VAL A 333 6.53 -0.60 -20.39
C VAL A 333 6.52 -2.09 -20.08
N TYR A 334 5.87 -2.52 -19.00
CA TYR A 334 5.82 -3.94 -18.58
C TYR A 334 4.44 -4.51 -18.86
N ASP A 335 4.33 -5.52 -19.71
CA ASP A 335 3.03 -6.11 -20.11
C ASP A 335 2.63 -7.25 -19.13
N ILE A 336 1.54 -7.09 -18.40
CA ILE A 336 1.00 -8.17 -17.52
C ILE A 336 -0.27 -8.77 -18.10
N ASP A 337 -0.63 -8.46 -19.34
CA ASP A 337 -1.83 -9.08 -19.96
C ASP A 337 -1.60 -10.58 -20.29
N GLY A 338 -2.66 -11.30 -20.61
CA GLY A 338 -2.62 -12.66 -21.17
C GLY A 338 -2.35 -13.71 -20.11
N GLU A 339 -1.81 -14.87 -20.51
CA GLU A 339 -1.50 -15.97 -19.57
C GLU A 339 -0.05 -15.86 -19.10
N TRP A 340 0.18 -16.36 -17.88
CA TRP A 340 1.51 -16.36 -17.24
C TRP A 340 2.11 -17.78 -17.21
N ALA A 341 3.39 -17.86 -17.56
CA ALA A 341 4.12 -19.15 -17.59
C ALA A 341 4.22 -19.66 -16.16
N THR A 342 4.15 -20.98 -16.00
CA THR A 342 4.40 -21.72 -14.75
C THR A 342 5.62 -22.63 -14.97
N ILE A 343 6.57 -22.65 -14.02
CA ILE A 343 7.72 -23.60 -14.06
C ILE A 343 7.78 -24.32 -12.72
N GLN A 344 8.52 -25.42 -12.67
CA GLN A 344 8.71 -26.19 -11.41
C GLN A 344 10.10 -25.90 -10.84
N MET A 345 10.23 -25.84 -9.52
CA MET A 345 11.51 -25.40 -8.90
C MET A 345 12.63 -26.40 -9.23
N TYR A 346 12.43 -27.67 -8.93
CA TYR A 346 13.51 -28.70 -9.10
C TYR A 346 13.93 -28.84 -10.57
N PRO A 347 12.98 -29.03 -11.52
CA PRO A 347 13.32 -29.10 -12.92
C PRO A 347 13.99 -27.82 -13.43
N SER A 348 13.47 -26.63 -13.10
CA SER A 348 14.04 -25.39 -13.67
C SER A 348 15.44 -25.21 -13.08
N LEU A 349 15.65 -25.60 -11.82
CA LEU A 349 17.00 -25.51 -11.23
C LEU A 349 17.92 -26.53 -11.94
N SER A 350 17.43 -27.73 -12.25
CA SER A 350 18.21 -28.82 -12.92
C SER A 350 18.77 -28.30 -14.25
N VAL A 351 17.91 -27.64 -15.01
CA VAL A 351 18.22 -27.10 -16.36
C VAL A 351 19.28 -26.02 -16.17
N ALA A 352 19.11 -25.11 -15.20
CA ALA A 352 20.09 -24.01 -14.93
C ALA A 352 21.45 -24.56 -14.44
N LEU A 353 21.48 -25.61 -13.63
CA LEU A 353 22.77 -26.16 -13.11
C LEU A 353 23.35 -27.23 -14.04
N GLY A 354 22.57 -27.74 -15.00
CA GLY A 354 23.08 -28.78 -15.92
C GLY A 354 23.18 -30.14 -15.28
N GLU A 355 22.40 -30.45 -14.25
CA GLU A 355 22.33 -31.83 -13.73
C GLU A 355 20.98 -32.03 -13.05
N GLU A 356 20.59 -33.28 -12.85
CA GLU A 356 19.27 -33.56 -12.24
C GLU A 356 19.36 -33.27 -10.73
N ILE A 357 18.61 -32.28 -10.25
CA ILE A 357 18.42 -31.99 -8.81
C ILE A 357 17.00 -32.43 -8.46
N THR A 358 16.89 -33.22 -7.38
CA THR A 358 15.62 -33.86 -6.93
C THR A 358 15.52 -33.67 -5.43
N PRO A 359 14.35 -33.94 -4.82
CA PRO A 359 14.25 -34.05 -3.35
C PRO A 359 15.24 -35.03 -2.71
N GLN A 360 15.83 -35.99 -3.45
CA GLN A 360 16.89 -36.92 -2.94
C GLN A 360 18.28 -36.28 -2.92
N THR A 361 18.51 -35.21 -3.67
CA THR A 361 19.87 -34.63 -3.77
C THR A 361 20.36 -34.28 -2.36
N THR A 362 21.55 -34.74 -2.00
CA THR A 362 22.06 -34.56 -0.61
C THR A 362 22.48 -33.12 -0.38
N VAL A 363 22.56 -32.74 0.89
CA VAL A 363 23.00 -31.39 1.33
C VAL A 363 24.47 -31.21 0.91
N ASP A 364 25.27 -32.26 1.00
CA ASP A 364 26.72 -32.18 0.71
C ASP A 364 26.88 -31.89 -0.80
N ARG A 365 26.09 -32.54 -1.66
CA ARG A 365 26.10 -32.21 -3.12
C ARG A 365 25.74 -30.73 -3.29
N LEU A 366 24.61 -30.31 -2.73
CA LEU A 366 24.07 -28.93 -2.90
C LEU A 366 25.06 -27.89 -2.36
N ARG A 367 25.70 -28.18 -1.22
CA ARG A 367 26.69 -27.26 -0.59
C ARG A 367 27.83 -27.02 -1.58
N GLY A 368 28.32 -28.09 -2.20
CA GLY A 368 29.37 -28.07 -3.24
C GLY A 368 28.95 -27.27 -4.46
N ILE A 369 27.72 -27.41 -4.94
CA ILE A 369 27.23 -26.54 -6.04
C ILE A 369 27.23 -25.09 -5.55
N ALA A 370 26.63 -24.77 -4.40
CA ALA A 370 26.60 -23.41 -3.84
C ALA A 370 28.03 -22.84 -3.79
N ASP A 371 28.98 -23.62 -3.27
CA ASP A 371 30.41 -23.17 -3.25
C ASP A 371 30.85 -22.85 -4.66
N SER A 372 30.62 -23.75 -5.62
CA SER A 372 31.10 -23.60 -7.02
C SER A 372 30.50 -22.32 -7.64
N LEU A 373 29.35 -21.86 -7.15
CA LEU A 373 28.69 -20.61 -7.62
C LEU A 373 29.15 -19.38 -6.82
N GLY A 374 30.12 -19.50 -5.93
CA GLY A 374 30.56 -18.40 -5.05
C GLY A 374 29.48 -17.92 -4.08
N LEU A 375 28.85 -18.82 -3.33
CA LEU A 375 27.85 -18.44 -2.28
C LEU A 375 28.41 -18.76 -0.88
N ARG A 385 19.75 -23.38 11.46
CA ARG A 385 20.54 -22.13 11.35
C ARG A 385 21.69 -22.27 10.33
N GLY A 386 21.93 -23.47 9.79
CA GLY A 386 22.99 -23.73 8.78
C GLY A 386 22.44 -24.43 7.55
N PHE A 387 23.13 -25.48 7.09
CA PHE A 387 22.88 -26.20 5.81
C PHE A 387 21.64 -27.10 5.93
N GLY A 388 20.57 -26.78 5.18
CA GLY A 388 19.37 -27.61 4.99
C GLY A 388 19.12 -27.85 3.51
N HIS A 389 18.60 -29.02 3.14
CA HIS A 389 18.31 -29.41 1.73
C HIS A 389 17.38 -28.34 1.11
N GLY A 390 16.28 -28.01 1.78
CA GLY A 390 15.25 -27.11 1.27
C GLY A 390 15.78 -25.70 1.12
N LYS A 391 16.49 -25.21 2.13
CA LYS A 391 17.07 -23.86 2.11
C LYS A 391 18.05 -23.77 0.94
N LEU A 392 18.81 -24.82 0.66
CA LEU A 392 19.85 -24.76 -0.41
C LEU A 392 19.14 -24.75 -1.77
N ILE A 393 18.11 -25.57 -1.94
CA ILE A 393 17.34 -25.61 -3.21
C ILE A 393 16.80 -24.21 -3.50
N GLU A 394 16.17 -23.56 -2.50
CA GLU A 394 15.54 -22.23 -2.72
C GLU A 394 16.61 -21.19 -3.04
N GLU A 395 17.73 -21.22 -2.33
CA GLU A 395 18.85 -20.25 -2.53
C GLU A 395 19.46 -20.45 -3.93
N LEU A 396 19.78 -21.68 -4.31
CA LEU A 396 20.35 -21.92 -5.66
C LEU A 396 19.30 -21.57 -6.73
N TRP A 397 18.03 -21.89 -6.51
CA TRP A 397 16.98 -21.50 -7.51
C TRP A 397 16.93 -19.97 -7.67
N GLU A 398 16.91 -19.20 -6.58
CA GLU A 398 16.77 -17.73 -6.65
C GLU A 398 18.00 -17.16 -7.35
N ARG A 399 19.17 -17.70 -7.02
CA ARG A 399 20.49 -17.30 -7.56
C ARG A 399 20.59 -17.59 -9.07
N THR A 400 19.99 -18.68 -9.58
CA THR A 400 20.20 -19.10 -11.00
C THR A 400 18.96 -18.80 -11.85
N VAL A 401 17.78 -19.26 -11.47
CA VAL A 401 16.53 -19.07 -12.27
C VAL A 401 15.82 -17.78 -11.85
N GLY A 402 15.61 -17.55 -10.56
CA GLY A 402 14.89 -16.37 -10.03
C GLY A 402 15.36 -15.07 -10.65
N LYS A 403 16.67 -14.83 -10.63
CA LYS A 403 17.29 -13.56 -11.11
C LYS A 403 17.05 -13.37 -12.60
N SER A 404 16.82 -14.44 -13.36
CA SER A 404 16.69 -14.40 -14.83
C SER A 404 15.26 -14.02 -15.25
N LEU A 405 14.26 -14.12 -14.34
CA LEU A 405 12.82 -14.05 -14.78
C LEU A 405 12.45 -12.61 -15.14
N SER A 406 11.77 -12.40 -16.25
CA SER A 406 11.32 -11.04 -16.66
C SER A 406 9.79 -11.04 -16.79
N ALA A 407 9.22 -11.85 -17.70
CA ALA A 407 7.75 -11.99 -17.86
C ALA A 407 7.13 -12.51 -16.55
N PRO A 408 5.82 -12.29 -16.31
CA PRO A 408 5.21 -12.79 -15.08
C PRO A 408 5.25 -14.31 -15.06
N THR A 409 5.75 -14.91 -13.96
CA THR A 409 6.03 -16.36 -13.87
C THR A 409 5.68 -16.93 -12.51
N PHE A 410 4.94 -18.03 -12.49
CA PHE A 410 4.74 -18.88 -11.29
C PHE A 410 5.85 -19.94 -11.25
N VAL A 411 6.55 -20.05 -10.12
CA VAL A 411 7.40 -21.23 -9.83
C VAL A 411 6.64 -22.06 -8.80
N LYS A 412 6.56 -23.37 -9.00
CA LYS A 412 5.79 -24.27 -8.11
C LYS A 412 6.55 -25.54 -7.76
N ASP A 413 5.99 -26.24 -6.77
CA ASP A 413 6.44 -27.57 -6.29
C ASP A 413 7.75 -27.37 -5.49
N PHE A 414 7.59 -27.06 -4.20
CA PHE A 414 8.67 -26.54 -3.34
C PHE A 414 9.25 -27.67 -2.48
N PRO A 415 10.44 -27.46 -1.88
CA PRO A 415 10.95 -28.41 -0.91
C PRO A 415 10.05 -28.48 0.34
N VAL A 416 9.75 -29.69 0.81
CA VAL A 416 8.99 -29.90 2.08
C VAL A 416 9.67 -29.19 3.27
N GLN A 417 10.99 -29.14 3.39
CA GLN A 417 11.60 -28.60 4.63
C GLN A 417 11.23 -27.12 4.81
N THR A 418 10.92 -26.37 3.76
CA THR A 418 10.76 -24.89 3.84
C THR A 418 9.28 -24.50 3.74
N THR A 419 8.35 -25.45 3.80
CA THR A 419 6.91 -25.19 3.60
C THR A 419 6.10 -25.95 4.66
N PRO A 420 6.31 -25.68 5.97
CA PRO A 420 5.70 -26.48 7.03
C PRO A 420 4.16 -26.49 7.01
N LEU A 421 3.52 -25.46 6.44
CA LEU A 421 2.04 -25.34 6.46
C LEU A 421 1.42 -25.83 5.13
N THR A 422 2.21 -26.30 4.16
CA THR A 422 1.65 -26.63 2.81
C THR A 422 1.63 -28.14 2.58
N ARG A 423 0.56 -28.59 1.94
CA ARG A 423 0.29 -30.04 1.76
C ARG A 423 1.41 -30.63 0.93
N GLN A 424 1.79 -31.88 1.21
CA GLN A 424 2.69 -32.68 0.35
C GLN A 424 2.02 -32.76 -1.02
N HIS A 425 2.81 -32.75 -2.09
CA HIS A 425 2.32 -32.81 -3.48
C HIS A 425 1.50 -34.08 -3.67
N ARG A 426 0.45 -34.03 -4.50
CA ARG A 426 -0.49 -35.14 -4.72
C ARG A 426 0.21 -36.34 -5.39
N SER A 427 1.24 -36.12 -6.21
CA SER A 427 1.90 -37.23 -6.96
C SER A 427 3.41 -37.22 -6.83
N ILE A 428 4.06 -36.06 -6.66
CA ILE A 428 5.55 -35.95 -6.66
C ILE A 428 6.08 -36.08 -5.23
N PRO A 429 6.89 -37.12 -4.98
CA PRO A 429 7.44 -37.33 -3.63
C PRO A 429 8.42 -36.21 -3.25
N GLY A 430 8.33 -35.74 -2.01
CA GLY A 430 9.29 -34.78 -1.39
C GLY A 430 9.05 -33.30 -1.74
N VAL A 431 8.01 -32.96 -2.51
CA VAL A 431 7.70 -31.52 -2.74
C VAL A 431 6.32 -31.23 -2.15
N THR A 432 6.05 -29.96 -1.94
CA THR A 432 4.74 -29.43 -1.50
C THR A 432 4.08 -28.56 -2.56
N GLU A 433 2.75 -28.48 -2.49
CA GLU A 433 1.91 -27.71 -3.44
C GLU A 433 1.95 -26.23 -3.09
N LYS A 434 3.06 -25.58 -3.39
CA LYS A 434 3.27 -24.14 -3.20
C LYS A 434 3.65 -23.55 -4.56
N TRP A 435 3.13 -22.37 -4.86
CA TRP A 435 3.68 -21.51 -5.92
C TRP A 435 4.10 -20.19 -5.33
N ASP A 436 5.08 -19.58 -5.99
CA ASP A 436 5.48 -18.18 -5.78
C ASP A 436 5.36 -17.48 -7.14
N LEU A 437 4.70 -16.32 -7.16
CA LEU A 437 4.54 -15.54 -8.40
C LEU A 437 5.60 -14.44 -8.39
N TYR A 438 6.42 -14.39 -9.45
CA TYR A 438 7.37 -13.29 -9.72
C TYR A 438 6.84 -12.43 -10.87
N LEU A 439 6.68 -11.13 -10.61
CA LEU A 439 6.12 -10.17 -11.59
C LEU A 439 7.12 -9.03 -11.69
N ARG A 440 7.67 -8.83 -12.90
CA ARG A 440 8.69 -7.77 -13.17
C ARG A 440 9.87 -7.98 -12.22
N GLY A 441 10.25 -9.24 -12.02
CA GLY A 441 11.43 -9.65 -11.22
C GLY A 441 11.13 -9.77 -9.73
N ILE A 442 10.04 -9.17 -9.25
CA ILE A 442 9.71 -9.03 -7.80
C ILE A 442 8.91 -10.25 -7.32
N GLU A 443 9.33 -10.83 -6.19
CA GLU A 443 8.56 -11.91 -5.51
C GLU A 443 7.29 -11.27 -4.96
N LEU A 444 6.11 -11.58 -5.54
CA LEU A 444 4.86 -10.80 -5.32
C LEU A 444 3.91 -11.52 -4.35
N ALA A 445 3.66 -12.80 -4.62
CA ALA A 445 2.54 -13.60 -4.07
C ALA A 445 2.90 -15.07 -3.93
N THR A 446 2.20 -15.74 -3.03
CA THR A 446 2.40 -17.17 -2.74
C THR A 446 1.02 -17.80 -2.66
N GLY A 447 0.89 -19.05 -3.02
CA GLY A 447 -0.35 -19.83 -2.83
C GLY A 447 -0.02 -21.24 -2.47
N TYR A 448 -0.89 -21.89 -1.73
CA TYR A 448 -0.61 -23.25 -1.22
C TYR A 448 -1.87 -24.09 -1.33
N SER A 449 -1.73 -25.40 -1.58
CA SER A 449 -2.76 -26.41 -1.21
C SER A 449 -2.52 -26.63 0.28
N GLU A 450 -3.47 -26.25 1.16
CA GLU A 450 -3.17 -26.16 2.60
C GLU A 450 -3.03 -27.57 3.20
N LEU A 451 -2.09 -27.73 4.13
CA LEU A 451 -2.04 -28.96 4.98
C LEU A 451 -3.23 -28.96 5.93
N SER A 452 -4.06 -29.99 5.87
CA SER A 452 -5.18 -30.21 6.81
C SER A 452 -4.93 -31.42 7.72
N ASP A 453 -4.01 -32.32 7.37
CA ASP A 453 -3.66 -33.50 8.19
C ASP A 453 -3.05 -33.05 9.52
N PRO A 454 -3.77 -33.14 10.66
CA PRO A 454 -3.24 -32.65 11.94
C PRO A 454 -2.00 -33.40 12.45
N VAL A 455 -1.82 -34.64 12.04
CA VAL A 455 -0.68 -35.46 12.53
C VAL A 455 0.57 -35.07 11.75
N VAL A 456 0.47 -34.93 10.44
CA VAL A 456 1.62 -34.38 9.65
C VAL A 456 1.92 -32.97 10.17
N GLN A 457 0.90 -32.17 10.50
CA GLN A 457 1.15 -30.75 10.84
C GLN A 457 1.94 -30.70 12.15
N ARG A 458 1.55 -31.52 13.13
CA ARG A 458 2.24 -31.57 14.46
C ARG A 458 3.70 -31.97 14.25
N GLU A 459 3.97 -32.99 13.42
CA GLU A 459 5.35 -33.43 13.09
C GLU A 459 6.19 -32.26 12.59
N ARG A 460 5.64 -31.50 11.62
CA ARG A 460 6.34 -30.36 11.00
C ARG A 460 6.66 -29.30 12.07
N PHE A 461 5.71 -29.00 12.95
CA PHE A 461 5.91 -28.01 14.04
C PHE A 461 6.96 -28.55 15.01
N ALA A 462 6.98 -29.86 15.26
CA ALA A 462 7.95 -30.49 16.21
C ALA A 462 9.35 -30.36 15.61
N ASP A 463 9.52 -30.62 14.30
CA ASP A 463 10.79 -30.41 13.55
C ASP A 463 11.30 -28.99 13.79
N GLN A 464 10.44 -28.00 13.53
CA GLN A 464 10.76 -26.55 13.69
C GLN A 464 11.19 -26.26 15.13
N ALA A 465 10.36 -26.63 16.11
CA ALA A 465 10.56 -26.43 17.56
C ALA A 465 11.93 -27.01 17.99
N ARG A 466 12.25 -28.22 17.51
CA ARG A 466 13.52 -28.93 17.81
C ARG A 466 14.70 -28.12 17.26
N ALA A 467 14.60 -27.70 15.99
CA ALA A 467 15.65 -27.03 15.18
C ALA A 467 16.08 -25.69 15.82
N ALA A 468 15.18 -25.00 16.53
CA ALA A 468 15.46 -23.68 17.16
C ALA A 468 15.51 -23.80 18.70
N ALA A 469 15.46 -25.02 19.25
CA ALA A 469 15.64 -25.30 20.70
C ALA A 469 17.05 -24.85 21.12
N ALA A 470 17.17 -24.20 22.28
CA ALA A 470 18.44 -23.66 22.82
C ALA A 470 18.61 -24.17 24.26
N MET A 476 10.18 -26.67 24.38
CA MET A 476 9.66 -26.48 23.00
C MET A 476 8.15 -26.72 23.00
N VAL A 477 7.38 -25.63 23.03
CA VAL A 477 5.88 -25.63 23.09
C VAL A 477 5.33 -25.40 21.67
N LEU A 478 4.29 -26.14 21.28
CA LEU A 478 3.63 -26.01 19.94
C LEU A 478 2.38 -25.15 20.06
N ASP A 479 1.83 -24.70 18.92
CA ASP A 479 0.51 -24.01 18.89
C ASP A 479 -0.58 -25.06 18.99
N GLU A 480 -0.89 -25.52 20.21
CA GLU A 480 -1.76 -26.70 20.47
C GLU A 480 -3.19 -26.36 20.07
N ASP A 481 -3.60 -25.10 20.27
CA ASP A 481 -4.99 -24.68 19.93
C ASP A 481 -5.15 -24.74 18.39
N PHE A 482 -4.14 -24.34 17.62
CA PHE A 482 -4.24 -24.41 16.13
C PHE A 482 -4.35 -25.88 15.72
N LEU A 483 -3.53 -26.76 16.32
CA LEU A 483 -3.51 -28.19 15.96
C LEU A 483 -4.85 -28.82 16.35
N ALA A 484 -5.40 -28.39 17.49
CA ALA A 484 -6.72 -28.83 17.97
C ALA A 484 -7.77 -28.51 16.90
N ALA A 485 -7.73 -27.31 16.28
CA ALA A 485 -8.71 -26.91 15.25
C ALA A 485 -8.61 -27.83 14.05
N LEU A 486 -7.39 -28.10 13.56
CA LEU A 486 -7.19 -29.06 12.45
C LEU A 486 -7.75 -30.43 12.86
N GLU A 487 -7.67 -30.79 14.14
CA GLU A 487 -8.16 -32.14 14.59
C GLU A 487 -9.69 -32.23 14.48
N TYR A 488 -10.41 -31.10 14.51
CA TYR A 488 -11.88 -31.12 14.26
C TYR A 488 -12.17 -31.35 12.79
N GLY A 489 -11.18 -31.19 11.89
CA GLY A 489 -11.37 -31.42 10.44
C GLY A 489 -11.43 -30.11 9.66
N MET A 490 -10.42 -29.83 8.83
CA MET A 490 -10.39 -28.68 7.88
C MET A 490 -10.64 -29.21 6.48
N PRO A 491 -11.69 -28.78 5.75
CA PRO A 491 -11.85 -29.25 4.37
C PRO A 491 -10.65 -28.83 3.54
N PRO A 492 -10.39 -29.53 2.42
CA PRO A 492 -9.29 -29.16 1.54
C PRO A 492 -9.51 -27.71 1.12
N CYS A 493 -8.43 -26.93 1.07
CA CYS A 493 -8.50 -25.49 0.73
C CYS A 493 -7.15 -24.98 0.24
N THR A 494 -7.16 -23.78 -0.34
CA THR A 494 -5.96 -23.12 -0.91
C THR A 494 -5.91 -21.71 -0.34
N GLY A 495 -4.74 -21.35 0.18
CA GLY A 495 -4.47 -20.01 0.70
C GLY A 495 -3.55 -19.27 -0.25
N THR A 496 -3.61 -17.96 -0.23
CA THR A 496 -2.65 -17.04 -0.84
C THR A 496 -2.21 -15.99 0.15
N GLY A 497 -1.05 -15.38 -0.16
CA GLY A 497 -0.52 -14.20 0.55
C GLY A 497 0.05 -13.24 -0.46
N MET A 498 -0.11 -11.95 -0.27
CA MET A 498 0.42 -10.92 -1.19
C MET A 498 0.49 -9.60 -0.42
N GLY A 499 1.68 -9.01 -0.30
CA GLY A 499 1.89 -7.70 0.35
C GLY A 499 1.42 -6.58 -0.57
N ILE A 500 0.76 -5.58 -0.01
CA ILE A 500 0.14 -4.48 -0.79
C ILE A 500 1.29 -3.61 -1.34
N ASP A 501 2.34 -3.37 -0.56
CA ASP A 501 3.49 -2.55 -1.05
C ASP A 501 4.24 -3.26 -2.18
N ARG A 502 4.41 -4.59 -2.08
CA ARG A 502 5.03 -5.38 -3.18
C ARG A 502 4.14 -5.28 -4.43
N LEU A 503 2.83 -5.43 -4.27
CA LEU A 503 1.93 -5.27 -5.45
C LEU A 503 2.18 -3.90 -6.10
N LEU A 504 2.10 -2.80 -5.33
CA LEU A 504 2.23 -1.42 -5.88
C LEU A 504 3.61 -1.28 -6.54
N MET A 505 4.66 -1.79 -5.90
CA MET A 505 6.04 -1.77 -6.48
C MET A 505 6.06 -2.54 -7.79
N SER A 506 5.48 -3.73 -7.82
CA SER A 506 5.51 -4.57 -9.04
C SER A 506 4.73 -3.83 -10.16
N LEU A 507 3.68 -3.10 -9.82
CA LEU A 507 2.83 -2.47 -10.85
C LEU A 507 3.43 -1.13 -11.31
N THR A 508 4.25 -0.46 -10.49
CA THR A 508 4.58 0.98 -10.70
C THR A 508 6.08 1.29 -10.61
N GLY A 509 6.88 0.44 -9.99
CA GLY A 509 8.30 0.75 -9.73
C GLY A 509 8.48 1.65 -8.54
N LEU A 510 7.44 2.01 -7.79
CA LEU A 510 7.60 2.88 -6.60
C LEU A 510 8.10 2.04 -5.41
N SER A 511 8.96 2.60 -4.56
CA SER A 511 9.46 1.94 -3.33
C SER A 511 8.45 2.07 -2.17
N ILE A 512 8.66 1.31 -1.10
CA ILE A 512 7.85 1.33 0.16
C ILE A 512 7.81 2.75 0.74
N ARG A 513 8.87 3.53 0.55
CA ARG A 513 8.96 4.91 1.11
C ARG A 513 8.04 5.86 0.35
N GLU A 514 7.58 5.48 -0.85
CA GLU A 514 6.60 6.28 -1.63
C GLU A 514 5.17 5.72 -1.44
N THR A 515 5.02 4.43 -1.20
CA THR A 515 3.69 3.76 -1.30
C THR A 515 2.97 3.77 0.05
N VAL A 516 3.67 3.84 1.18
CA VAL A 516 2.98 4.00 2.49
C VAL A 516 2.95 5.47 2.83
N LEU A 517 1.75 5.94 3.16
CA LEU A 517 1.47 7.33 3.55
C LEU A 517 2.50 7.81 4.57
N PHE A 518 2.65 7.11 5.70
CA PHE A 518 3.44 7.62 6.85
C PHE A 518 4.51 6.59 7.27
N PRO A 519 5.55 6.37 6.45
CA PRO A 519 6.60 5.41 6.81
C PRO A 519 7.27 5.71 8.15
N ILE A 520 7.71 4.70 8.89
CA ILE A 520 8.49 4.87 10.16
C ILE A 520 9.77 5.63 9.84
N VAL A 521 10.36 6.34 10.81
CA VAL A 521 11.45 7.32 10.48
C VAL A 521 12.37 7.53 11.70
N LYS B . 1.10 -16.74 5.85
CA LYS B . 1.69 -16.61 4.48
C LYS B . 2.77 -15.51 4.51
O LYS B . 3.34 -15.34 3.43
CB LYS B . 0.65 -16.23 3.44
CG LYS B . -0.44 -17.26 3.17
CD LYS B . 0.01 -18.41 2.25
CE LYS B . -1.02 -19.52 2.13
NZ LYS B . -1.34 -20.15 3.43
OXT LYS B . 3.06 -14.80 5.53
C1 GOL C . -1.63 -18.88 -15.82
O1 GOL C . -1.89 -17.81 -16.73
C2 GOL C . -2.35 -18.72 -14.49
O2 GOL C . -3.76 -18.54 -14.70
C3 GOL C . -2.16 -19.89 -13.54
O3 GOL C . -2.58 -21.13 -14.11
#